data_4BWM
#
_entry.id   4BWM
#
_cell.length_a   143.192
_cell.length_b   86.282
_cell.length_c   63.094
_cell.angle_alpha   90.00
_cell.angle_beta   90.00
_cell.angle_gamma   90.00
#
_symmetry.space_group_name_H-M   'P 21 21 2'
#
loop_
_entity.id
_entity.type
_entity.pdbx_description
1 polymer 'DNA POLYMERASE I, THERMOSTABLE'
2 polymer "5'-D(*GP*AP*CP*CP*AP*CP*GP*GP*CP*GP*CP*DOCP)-3'"
3 polymer "5'-R(*AP*AP*AP*GP*GP*GP*CP*GP*CP*CP*GP*UP*GP*GP*UP*C)-3'"
4 non-polymer "2',3'-DIDEOXYCYTIDINE 5'-TRIPHOSPHATE"
5 non-polymer 'CHLORIDE ION'
6 non-polymer 'MAGNESIUM ION'
7 non-polymer 'FORMIC ACID'
8 water water
#
loop_
_entity_poly.entity_id
_entity_poly.type
_entity_poly.pdbx_seq_one_letter_code
_entity_poly.pdbx_strand_id
1 'polypeptide(L)'
;ALEEAPWPPPEGAFVGFVLSRKEPMWADLLALAAARGGRVHRAPEPYKALRDLKEARGLLAKDLSVLALREGLGLPPGDD
PMLLAYLLDPSNTTPEGVARRYGGEWTEEAGERAALSERLFANLWGRLEGEERLLWLYREVERPLSAVLAHMEATGVRLD
VAYLRAMSLEVAEEIARLEAEVFRLAGHPFNLNSRDQLERVLFDELGLPAIGKTEKTGKRSTRAAVLEALREAHPIVEKI
LQYRELTKLKSTYIDPLPDLIHPRTGRLHTRFNQTATATGRLSSSDPNLQNIPVRTPLGQRIRRAFIAEEGWLLVALDYS
QIELRVLAHLSGDENLIRVFQEGRDFHTETASWMFGVPREAVDPLMRRAAKTINFGVLYGMSAHRLSQELAIPYEEAQAF
IERYFQSFPKVRAWIEKTLEEGRRRGYVETLFGRRRYVPDLEARVKSVREAAERKAFNMPVQGTAADLMKLAMVKLFPRL
EEMGARMLLQVHDELVLEAPKERAEAVARLAKEVMEGVYPLAVPLEVEVGIGEDWLSAKE
;
A
2 'polydeoxyribonucleotide' (DG)(DA)(DC)(DC)(DA)(DC)(DG)(DG)(DC)(DG)(DC)(DOC) B
3 'polyribonucleotide' AAAGGGCGCCGUGGUC G
#
# COMPACT_ATOMS: atom_id res chain seq x y z
N GLU A 3 24.34 19.96 -31.21
CA GLU A 3 23.22 19.51 -30.39
C GLU A 3 23.45 19.85 -28.93
N GLU A 4 24.71 19.92 -28.53
CA GLU A 4 25.07 20.30 -27.17
C GLU A 4 25.03 21.81 -27.00
N ALA A 5 24.85 22.24 -25.75
CA ALA A 5 24.77 23.66 -25.41
C ALA A 5 25.21 23.85 -23.97
N PRO A 6 25.76 25.03 -23.64
CA PRO A 6 26.28 25.31 -22.30
C PRO A 6 25.22 25.27 -21.20
N TRP A 7 25.60 24.73 -20.04
CA TRP A 7 24.81 24.91 -18.82
C TRP A 7 24.86 26.39 -18.48
N PRO A 8 23.77 26.96 -17.92
CA PRO A 8 22.48 26.40 -17.53
C PRO A 8 21.45 26.40 -18.67
N PRO A 9 20.43 25.54 -18.56
CA PRO A 9 19.39 25.42 -19.58
C PRO A 9 18.35 26.52 -19.43
N PRO A 10 17.52 26.72 -20.45
CA PRO A 10 16.42 27.68 -20.34
C PRO A 10 15.33 27.18 -19.40
N GLU A 11 14.54 28.10 -18.84
CA GLU A 11 13.46 27.72 -17.94
C GLU A 11 12.47 26.80 -18.66
N GLY A 12 12.02 25.74 -17.97
CA GLY A 12 11.08 24.79 -18.56
C GLY A 12 11.68 23.56 -19.21
N ALA A 13 13.00 23.50 -19.32
CA ALA A 13 13.66 22.36 -19.95
C ALA A 13 13.38 21.12 -19.10
N PHE A 14 13.56 19.95 -19.71
CA PHE A 14 13.39 18.69 -19.00
C PHE A 14 14.71 18.18 -18.47
N VAL A 15 14.71 17.76 -17.21
CA VAL A 15 15.93 17.31 -16.56
C VAL A 15 16.15 15.80 -16.76
N GLY A 16 17.42 15.40 -16.78
CA GLY A 16 17.81 13.99 -16.73
C GLY A 16 18.92 13.88 -15.69
N PHE A 17 18.97 12.75 -14.98
CA PHE A 17 19.96 12.64 -13.90
C PHE A 17 20.28 11.17 -13.69
N VAL A 18 21.49 10.92 -13.19
CA VAL A 18 21.91 9.57 -12.90
C VAL A 18 22.36 9.52 -11.44
N LEU A 19 21.81 8.55 -10.70
CA LEU A 19 22.18 8.36 -9.30
C LEU A 19 23.13 7.17 -9.16
N SER A 20 23.98 7.23 -8.14
CA SER A 20 24.93 6.16 -7.85
C SER A 20 24.26 4.87 -7.34
N ARG A 21 23.08 5.03 -6.74
CA ARG A 21 22.24 3.90 -6.33
C ARG A 21 20.80 4.36 -6.40
N LYS A 22 19.86 3.42 -6.34
CA LYS A 22 18.47 3.74 -6.69
C LYS A 22 17.77 4.62 -5.66
N GLU A 23 18.24 4.57 -4.41
CA GLU A 23 17.62 5.34 -3.33
C GLU A 23 18.20 6.75 -3.26
N PRO A 24 17.40 7.78 -3.61
CA PRO A 24 17.95 9.14 -3.68
C PRO A 24 18.56 9.68 -2.38
N MET A 25 18.01 9.34 -1.21
CA MET A 25 18.57 9.81 0.05
C MET A 25 19.96 9.26 0.30
N TRP A 26 20.29 8.14 -0.35
CA TRP A 26 21.57 7.47 -0.15
C TRP A 26 22.54 7.64 -1.33
N ALA A 27 22.10 8.33 -2.37
CA ALA A 27 22.85 8.34 -3.63
C ALA A 27 23.70 9.57 -3.81
N ASP A 28 24.78 9.43 -4.57
CA ASP A 28 25.40 10.62 -5.16
C ASP A 28 24.79 10.93 -6.51
N LEU A 29 24.69 12.21 -6.82
CA LEU A 29 24.21 12.68 -8.11
C LEU A 29 25.38 12.64 -9.10
N LEU A 30 25.54 11.52 -9.81
CA LEU A 30 26.68 11.36 -10.73
C LEU A 30 26.68 12.41 -11.85
N ALA A 31 25.49 12.68 -12.39
CA ALA A 31 25.40 13.57 -13.54
C ALA A 31 24.02 14.20 -13.60
N LEU A 32 23.96 15.40 -14.17
CA LEU A 32 22.73 16.16 -14.26
C LEU A 32 22.74 16.84 -15.62
N ALA A 33 21.60 16.83 -16.30
CA ALA A 33 21.52 17.44 -17.63
C ALA A 33 20.10 17.93 -17.88
N ALA A 34 19.93 18.75 -18.92
CA ALA A 34 18.61 19.27 -19.22
C ALA A 34 18.46 19.38 -20.72
N ALA A 35 17.24 19.17 -21.22
CA ALA A 35 17.01 19.22 -22.66
C ALA A 35 15.83 20.12 -23.01
N ARG A 36 15.98 20.90 -24.07
CA ARG A 36 14.90 21.76 -24.51
C ARG A 36 15.08 21.98 -26.01
N GLY A 37 14.06 21.62 -26.78
CA GLY A 37 14.15 21.65 -28.23
C GLY A 37 15.15 20.62 -28.74
N GLY A 38 15.36 19.56 -27.97
CA GLY A 38 16.30 18.52 -28.34
C GLY A 38 17.74 18.90 -28.09
N ARG A 39 17.99 20.18 -27.81
CA ARG A 39 19.30 20.65 -27.41
C ARG A 39 19.52 20.20 -25.98
N VAL A 40 20.70 19.68 -25.69
CA VAL A 40 21.02 19.13 -24.36
C VAL A 40 22.11 19.95 -23.68
N HIS A 41 21.90 20.25 -22.40
CA HIS A 41 22.84 21.01 -21.61
C HIS A 41 23.35 20.12 -20.47
N ARG A 42 24.65 19.85 -20.41
CA ARG A 42 25.18 19.01 -19.34
C ARG A 42 25.84 19.82 -18.23
N ALA A 43 25.54 19.46 -16.98
CA ALA A 43 26.05 20.20 -15.84
C ALA A 43 27.51 19.86 -15.56
N PRO A 44 28.39 20.87 -15.48
CA PRO A 44 29.78 20.61 -15.10
C PRO A 44 29.95 20.07 -13.66
N GLU A 45 29.22 20.64 -12.71
CA GLU A 45 29.27 20.20 -11.30
C GLU A 45 27.85 19.99 -10.80
N PRO A 46 27.40 18.72 -10.74
CA PRO A 46 25.99 18.42 -10.54
C PRO A 46 25.32 19.08 -9.32
N TYR A 47 25.96 19.05 -8.16
CA TYR A 47 25.33 19.63 -6.97
C TYR A 47 25.18 21.15 -7.09
N LYS A 48 26.19 21.80 -7.66
CA LYS A 48 26.12 23.25 -7.87
C LYS A 48 25.04 23.58 -8.89
N ALA A 49 24.97 22.77 -9.94
CA ALA A 49 24.01 22.99 -11.01
C ALA A 49 22.54 22.82 -10.56
N LEU A 50 22.31 22.06 -9.50
CA LEU A 50 20.94 21.88 -9.00
C LEU A 50 20.33 23.22 -8.63
N ARG A 51 21.17 24.13 -8.17
CA ARG A 51 20.74 25.47 -7.76
C ARG A 51 20.23 26.32 -8.90
N ASP A 52 20.55 25.93 -10.13
CA ASP A 52 20.13 26.69 -11.30
C ASP A 52 18.70 26.36 -11.71
N LEU A 53 18.20 25.21 -11.27
CA LEU A 53 16.88 24.75 -11.68
C LEU A 53 15.78 25.31 -10.78
N LYS A 54 14.62 25.61 -11.36
CA LYS A 54 13.50 26.12 -10.58
C LYS A 54 12.55 24.99 -10.19
N GLU A 55 12.55 23.92 -10.97
CA GLU A 55 11.81 22.72 -10.62
C GLU A 55 12.48 21.52 -11.25
N ALA A 56 12.07 20.33 -10.82
CA ALA A 56 12.54 19.11 -11.46
C ALA A 56 11.45 18.59 -12.40
N ARG A 57 11.70 18.71 -13.70
CA ARG A 57 10.68 18.37 -14.69
C ARG A 57 11.21 17.26 -15.57
N GLY A 58 10.69 16.05 -15.42
CA GLY A 58 11.18 14.94 -16.21
C GLY A 58 10.94 13.61 -15.53
N LEU A 59 11.43 12.54 -16.13
CA LEU A 59 11.27 11.19 -15.56
C LEU A 59 11.84 11.12 -14.16
N LEU A 60 11.07 10.51 -13.26
CA LEU A 60 11.47 10.33 -11.85
C LEU A 60 11.77 11.65 -11.15
N ALA A 61 11.01 12.68 -11.47
CA ALA A 61 11.21 14.01 -10.90
C ALA A 61 11.23 14.01 -9.37
N LYS A 62 10.33 13.24 -8.75
CA LYS A 62 10.27 13.17 -7.29
CA LYS A 62 10.26 13.15 -7.29
C LYS A 62 11.61 12.76 -6.69
N ASP A 63 12.28 11.79 -7.31
CA ASP A 63 13.56 11.30 -6.79
C ASP A 63 14.65 12.39 -6.80
N LEU A 64 14.70 13.19 -7.86
CA LEU A 64 15.63 14.31 -7.87
C LEU A 64 15.27 15.33 -6.78
N SER A 65 13.98 15.55 -6.58
CA SER A 65 13.50 16.46 -5.52
CA SER A 65 13.52 16.47 -5.52
C SER A 65 13.92 15.98 -4.14
N VAL A 66 13.84 14.66 -3.92
CA VAL A 66 14.28 14.07 -2.64
C VAL A 66 15.76 14.36 -2.41
N LEU A 67 16.58 14.08 -3.41
CA LEU A 67 18.01 14.35 -3.29
C LEU A 67 18.25 15.84 -3.08
N ALA A 68 17.51 16.71 -3.78
CA ALA A 68 17.67 18.15 -3.57
C ALA A 68 17.36 18.54 -2.13
N LEU A 69 16.26 18.00 -1.58
CA LEU A 69 15.92 18.29 -0.18
C LEU A 69 17.04 17.87 0.76
N ARG A 70 17.66 16.74 0.49
CA ARG A 70 18.77 16.29 1.33
C ARG A 70 19.88 17.32 1.32
N GLU A 71 20.07 17.95 0.16
CA GLU A 71 21.13 18.93 -0.07
C GLU A 71 20.69 20.32 0.42
N GLY A 72 19.51 20.40 1.02
CA GLY A 72 19.01 21.63 1.58
C GLY A 72 18.41 22.57 0.57
N LEU A 73 17.97 22.01 -0.55
CA LEU A 73 17.40 22.81 -1.62
C LEU A 73 15.94 22.44 -1.83
N GLY A 74 15.07 23.44 -1.88
CA GLY A 74 13.68 23.20 -2.22
C GLY A 74 13.50 23.22 -3.72
N LEU A 75 13.57 22.06 -4.35
CA LEU A 75 13.39 21.95 -5.79
C LEU A 75 12.17 21.09 -6.04
N PRO A 76 11.01 21.72 -6.26
CA PRO A 76 9.77 20.91 -6.37
C PRO A 76 9.72 20.08 -7.63
N PRO A 77 9.13 18.87 -7.55
CA PRO A 77 8.96 18.09 -8.77
C PRO A 77 7.83 18.69 -9.58
N GLY A 78 7.99 18.71 -10.90
CA GLY A 78 6.94 19.21 -11.77
C GLY A 78 6.44 18.09 -12.66
N ASP A 79 6.29 18.36 -13.95
CA ASP A 79 5.85 17.32 -14.88
C ASP A 79 6.75 16.09 -14.85
N ASP A 80 6.14 14.92 -14.95
CA ASP A 80 6.88 13.66 -14.99
C ASP A 80 6.07 12.75 -15.90
N PRO A 81 6.69 12.35 -17.02
CA PRO A 81 6.03 11.45 -17.98
C PRO A 81 5.64 10.11 -17.34
N MET A 82 6.36 9.67 -16.31
CA MET A 82 5.93 8.46 -15.61
C MET A 82 4.50 8.59 -15.08
N LEU A 83 4.14 9.76 -14.56
CA LEU A 83 2.80 9.96 -14.00
C LEU A 83 1.76 9.97 -15.12
N LEU A 84 2.11 10.60 -16.24
CA LEU A 84 1.25 10.56 -17.42
C LEU A 84 1.02 9.13 -17.90
N ALA A 85 2.09 8.36 -18.00
CA ALA A 85 2.00 6.97 -18.47
C ALA A 85 1.16 6.12 -17.54
N TYR A 86 1.32 6.33 -16.23
CA TYR A 86 0.60 5.53 -15.25
C TYR A 86 -0.91 5.81 -15.31
N LEU A 87 -1.27 7.06 -15.61
CA LEU A 87 -2.68 7.43 -15.75
C LEU A 87 -3.27 6.83 -17.02
N LEU A 88 -2.49 6.83 -18.08
CA LEU A 88 -2.93 6.20 -19.34
C LEU A 88 -3.21 4.72 -19.15
N ASP A 89 -2.37 4.07 -18.35
CA ASP A 89 -2.49 2.65 -18.10
C ASP A 89 -1.61 2.29 -16.90
N PRO A 90 -2.20 1.83 -15.80
CA PRO A 90 -1.39 1.59 -14.60
C PRO A 90 -0.45 0.38 -14.70
N SER A 91 -0.47 -0.32 -15.82
CA SER A 91 0.58 -1.30 -16.07
C SER A 91 1.91 -0.62 -16.44
N ASN A 92 1.87 0.69 -16.69
CA ASN A 92 3.08 1.48 -16.92
C ASN A 92 3.71 1.88 -15.59
N THR A 93 4.81 1.22 -15.19
CA THR A 93 5.33 1.42 -13.83
C THR A 93 6.80 1.79 -13.75
N THR A 94 7.56 1.60 -14.82
CA THR A 94 9.00 1.90 -14.82
C THR A 94 9.38 2.70 -16.06
N PRO A 95 10.41 3.55 -15.94
CA PRO A 95 10.88 4.29 -17.12
C PRO A 95 11.31 3.36 -18.24
N GLU A 96 11.93 2.24 -17.88
CA GLU A 96 12.34 1.21 -18.83
C GLU A 96 11.14 0.73 -19.64
N GLY A 97 10.09 0.34 -18.94
CA GLY A 97 8.89 -0.18 -19.56
C GLY A 97 8.16 0.85 -20.39
N VAL A 98 8.10 2.09 -19.88
CA VAL A 98 7.44 3.17 -20.59
C VAL A 98 8.18 3.53 -21.89
N ALA A 99 9.51 3.61 -21.82
CA ALA A 99 10.30 3.85 -23.02
C ALA A 99 10.12 2.74 -24.04
N ARG A 100 10.14 1.50 -23.55
CA ARG A 100 9.98 0.34 -24.43
C ARG A 100 8.63 0.37 -25.15
N ARG A 101 7.58 0.72 -24.40
CA ARG A 101 6.23 0.78 -24.96
C ARG A 101 5.95 1.96 -25.90
N TYR A 102 6.44 3.13 -25.55
CA TYR A 102 6.03 4.34 -26.27
C TYR A 102 7.10 4.94 -27.17
N GLY A 103 8.33 4.46 -27.05
CA GLY A 103 9.40 4.98 -27.88
C GLY A 103 10.58 5.50 -27.09
N GLY A 104 11.77 5.22 -27.60
CA GLY A 104 12.99 5.68 -26.97
C GLY A 104 13.64 4.56 -26.16
N GLU A 105 14.69 4.92 -25.44
CA GLU A 105 15.42 3.94 -24.65
C GLU A 105 15.90 4.60 -23.37
N TRP A 106 15.64 3.92 -22.26
CA TRP A 106 16.11 4.35 -20.95
C TRP A 106 17.56 3.88 -20.80
N THR A 107 18.50 4.82 -20.87
CA THR A 107 19.91 4.51 -20.78
C THR A 107 20.48 4.98 -19.44
N GLU A 108 21.81 4.93 -19.32
CA GLU A 108 22.48 5.36 -18.08
C GLU A 108 23.20 6.70 -18.23
N GLU A 109 22.79 7.50 -19.20
CA GLU A 109 23.41 8.81 -19.42
C GLU A 109 22.40 9.92 -19.17
N ALA A 110 22.81 10.93 -18.39
CA ALA A 110 21.91 11.99 -17.99
C ALA A 110 21.35 12.78 -19.17
N GLY A 111 22.19 13.05 -20.17
CA GLY A 111 21.74 13.83 -21.32
C GLY A 111 20.67 13.10 -22.08
N GLU A 112 20.90 11.80 -22.30
CA GLU A 112 19.93 10.94 -22.99
C GLU A 112 18.61 10.79 -22.22
N ARG A 113 18.71 10.70 -20.89
CA ARG A 113 17.51 10.71 -20.06
C ARG A 113 16.73 12.03 -20.13
N ALA A 114 17.43 13.16 -20.23
CA ALA A 114 16.76 14.45 -20.32
C ALA A 114 15.99 14.53 -21.64
N ALA A 115 16.65 14.11 -22.71
CA ALA A 115 16.06 14.11 -24.05
C ALA A 115 14.84 13.18 -24.13
N LEU A 116 14.97 12.00 -23.54
CA LEU A 116 13.87 11.03 -23.46
C LEU A 116 12.67 11.58 -22.69
N SER A 117 12.94 12.24 -21.55
CA SER A 117 11.88 12.89 -20.79
C SER A 117 11.07 13.87 -21.63
N GLU A 118 11.79 14.72 -22.36
CA GLU A 118 11.14 15.70 -23.23
C GLU A 118 10.27 15.00 -24.28
N ARG A 119 10.83 13.96 -24.89
CA ARG A 119 10.17 13.25 -25.98
C ARG A 119 8.95 12.48 -25.47
N LEU A 120 9.09 11.84 -24.31
CA LEU A 120 7.98 11.11 -23.72
C LEU A 120 6.88 12.02 -23.21
N PHE A 121 7.24 13.20 -22.67
CA PHE A 121 6.21 14.11 -22.21
C PHE A 121 5.33 14.51 -23.40
N ALA A 122 5.95 14.84 -24.52
CA ALA A 122 5.20 15.29 -25.69
C ALA A 122 4.29 14.17 -26.18
N ASN A 123 4.84 12.96 -26.28
CA ASN A 123 4.10 11.79 -26.73
C ASN A 123 2.88 11.52 -25.84
N LEU A 124 3.14 11.36 -24.55
CA LEU A 124 2.08 11.01 -23.60
C LEU A 124 1.07 12.13 -23.40
N TRP A 125 1.53 13.37 -23.38
CA TRP A 125 0.62 14.50 -23.23
C TRP A 125 -0.37 14.49 -24.40
N GLY A 126 0.15 14.21 -25.59
CA GLY A 126 -0.68 14.08 -26.78
C GLY A 126 -1.70 12.97 -26.68
N ARG A 127 -1.28 11.83 -26.13
CA ARG A 127 -2.18 10.69 -25.98
C ARG A 127 -3.30 10.99 -24.98
N LEU A 128 -3.08 11.95 -24.09
CA LEU A 128 -4.07 12.30 -23.08
C LEU A 128 -5.02 13.42 -23.51
N GLU A 129 -4.83 13.98 -24.70
CA GLU A 129 -5.69 15.06 -25.16
C GLU A 129 -7.17 14.68 -25.10
N GLY A 130 -7.97 15.53 -24.48
CA GLY A 130 -9.39 15.28 -24.36
C GLY A 130 -9.78 14.38 -23.20
N GLU A 131 -8.79 13.81 -22.51
CA GLU A 131 -9.12 12.94 -21.38
C GLU A 131 -9.20 13.79 -20.14
N GLU A 132 -10.26 14.56 -20.01
CA GLU A 132 -10.29 15.56 -18.93
C GLU A 132 -10.27 15.01 -17.50
N ARG A 133 -10.84 13.82 -17.29
CA ARG A 133 -10.84 13.24 -15.95
C ARG A 133 -9.46 12.73 -15.55
N LEU A 134 -8.75 12.11 -16.49
CA LEU A 134 -7.35 11.71 -16.22
C LEU A 134 -6.46 12.95 -16.05
N LEU A 135 -6.74 14.01 -16.81
CA LEU A 135 -5.94 15.23 -16.65
C LEU A 135 -6.22 15.93 -15.32
N TRP A 136 -7.45 15.79 -14.82
CA TRP A 136 -7.79 16.32 -13.51
C TRP A 136 -7.00 15.56 -12.46
N LEU A 137 -6.98 14.24 -12.58
CA LEU A 137 -6.18 13.43 -11.65
C LEU A 137 -4.71 13.84 -11.71
N TYR A 138 -4.20 14.07 -12.92
CA TYR A 138 -2.83 14.53 -13.07
C TYR A 138 -2.53 15.86 -12.36
N ARG A 139 -3.35 16.88 -12.61
CA ARG A 139 -3.06 18.20 -12.10
C ARG A 139 -3.44 18.34 -10.64
N GLU A 140 -4.47 17.61 -10.21
CA GLU A 140 -5.02 17.83 -8.88
C GLU A 140 -4.59 16.79 -7.86
N VAL A 141 -4.14 15.63 -8.34
CA VAL A 141 -3.74 14.57 -7.42
C VAL A 141 -2.29 14.15 -7.66
N GLU A 142 -1.99 13.55 -8.81
CA GLU A 142 -0.67 12.93 -9.00
C GLU A 142 0.52 13.91 -8.95
N ARG A 143 0.44 15.00 -9.70
CA ARG A 143 1.56 15.94 -9.70
C ARG A 143 1.80 16.62 -8.34
N PRO A 144 0.75 17.16 -7.70
CA PRO A 144 1.04 17.70 -6.37
C PRO A 144 1.43 16.62 -5.36
N LEU A 145 0.90 15.40 -5.50
CA LEU A 145 1.27 14.34 -4.57
C LEU A 145 2.75 14.03 -4.65
N SER A 146 3.32 14.15 -5.84
CA SER A 146 4.76 13.87 -5.99
C SER A 146 5.60 14.76 -5.05
N ALA A 147 5.17 15.99 -4.82
CA ALA A 147 5.90 16.88 -3.90
C ALA A 147 5.72 16.47 -2.43
N VAL A 148 4.53 15.97 -2.13
CA VAL A 148 4.23 15.46 -0.80
C VAL A 148 5.11 14.24 -0.52
N LEU A 149 5.16 13.31 -1.47
CA LEU A 149 5.97 12.11 -1.31
C LEU A 149 7.47 12.43 -1.20
N ALA A 150 7.92 13.45 -1.91
CA ALA A 150 9.32 13.88 -1.81
C ALA A 150 9.63 14.34 -0.40
N HIS A 151 8.73 15.13 0.16
CA HIS A 151 8.85 15.60 1.55
C HIS A 151 8.89 14.43 2.51
N MET A 152 7.98 13.48 2.35
CA MET A 152 7.91 12.33 3.24
C MET A 152 9.20 11.53 3.21
N GLU A 153 9.66 11.22 2.00
CA GLU A 153 10.86 10.41 1.85
C GLU A 153 12.11 11.11 2.38
N ALA A 154 12.27 12.41 2.08
CA ALA A 154 13.45 13.15 2.53
C ALA A 154 13.44 13.44 4.03
N THR A 155 12.25 13.64 4.59
CA THR A 155 12.11 13.91 6.03
C THR A 155 12.43 12.67 6.86
N GLY A 156 11.90 11.54 6.43
CA GLY A 156 12.16 10.28 7.10
C GLY A 156 11.49 10.17 8.45
N VAL A 157 11.79 9.11 9.19
CA VAL A 157 11.22 8.92 10.52
C VAL A 157 12.30 8.42 11.46
N ARG A 158 12.27 8.89 12.70
CA ARG A 158 13.21 8.44 13.72
C ARG A 158 12.86 7.02 14.21
N LEU A 159 13.87 6.18 14.39
CA LEU A 159 13.69 4.86 15.03
C LEU A 159 14.36 4.75 16.39
N ASP A 160 13.76 3.93 17.24
CA ASP A 160 14.35 3.62 18.54
C ASP A 160 15.28 2.42 18.31
N VAL A 161 16.52 2.70 17.95
CA VAL A 161 17.44 1.64 17.55
CA VAL A 161 17.44 1.64 17.55
C VAL A 161 17.84 0.76 18.75
N ALA A 162 17.95 1.36 19.93
CA ALA A 162 18.25 0.56 21.12
C ALA A 162 17.16 -0.49 21.37
N TYR A 163 15.91 -0.08 21.16
CA TYR A 163 14.76 -0.96 21.37
C TYR A 163 14.82 -2.09 20.35
N LEU A 164 15.08 -1.74 19.09
CA LEU A 164 15.25 -2.76 18.04
C LEU A 164 16.40 -3.74 18.31
N ARG A 165 17.52 -3.25 18.83
CA ARG A 165 18.65 -4.13 19.15
C ARG A 165 18.24 -5.11 20.25
N ALA A 166 17.50 -4.63 21.24
CA ALA A 166 17.09 -5.48 22.35
C ALA A 166 16.08 -6.51 21.86
N MET A 167 15.20 -6.05 20.97
CA MET A 167 14.16 -6.91 20.44
C MET A 167 14.79 -8.02 19.62
N SER A 168 15.84 -7.69 18.89
CA SER A 168 16.50 -8.70 18.07
C SER A 168 17.03 -9.83 18.95
N LEU A 169 17.65 -9.46 20.07
CA LEU A 169 18.20 -10.46 20.98
C LEU A 169 17.08 -11.32 21.58
N GLU A 170 16.00 -10.66 21.99
CA GLU A 170 14.90 -11.36 22.64
C GLU A 170 14.22 -12.32 21.69
N VAL A 171 14.01 -11.87 20.45
CA VAL A 171 13.34 -12.69 19.44
C VAL A 171 14.19 -13.87 18.99
N ALA A 172 15.50 -13.66 18.85
CA ALA A 172 16.41 -14.74 18.49
C ALA A 172 16.40 -15.84 19.55
N GLU A 173 16.42 -15.44 20.81
CA GLU A 173 16.35 -16.39 21.92
C GLU A 173 15.05 -17.20 21.87
N GLU A 174 13.93 -16.51 21.63
CA GLU A 174 12.64 -17.19 21.58
C GLU A 174 12.50 -18.10 20.36
N ILE A 175 13.03 -17.68 19.22
CA ILE A 175 13.07 -18.55 18.03
C ILE A 175 13.83 -19.84 18.32
N ALA A 176 14.98 -19.70 18.99
CA ALA A 176 15.80 -20.86 19.33
C ALA A 176 15.04 -21.83 20.23
N ARG A 177 14.34 -21.29 21.23
CA ARG A 177 13.56 -22.11 22.15
C ARG A 177 12.46 -22.84 21.41
N LEU A 178 11.76 -22.11 20.55
CA LEU A 178 10.64 -22.67 19.78
C LEU A 178 11.09 -23.78 18.85
N GLU A 179 12.19 -23.55 18.13
CA GLU A 179 12.68 -24.55 17.19
C GLU A 179 13.04 -25.84 17.94
N ALA A 180 13.75 -25.69 19.05
CA ALA A 180 14.17 -26.83 19.86
C ALA A 180 12.99 -27.62 20.39
N GLU A 181 11.96 -26.91 20.83
CA GLU A 181 10.75 -27.55 21.34
C GLU A 181 9.96 -28.24 20.23
N VAL A 182 9.93 -27.61 19.05
CA VAL A 182 9.27 -28.22 17.90
C VAL A 182 9.94 -29.53 17.51
N PHE A 183 11.27 -29.51 17.44
CA PHE A 183 12.03 -30.71 17.06
C PHE A 183 11.88 -31.82 18.11
N ARG A 184 11.72 -31.43 19.37
CA ARG A 184 11.50 -32.40 20.44
C ARG A 184 10.12 -33.04 20.33
N LEU A 185 9.11 -32.21 20.10
CA LEU A 185 7.74 -32.67 19.96
C LEU A 185 7.57 -33.56 18.73
N ALA A 186 8.37 -33.28 17.70
CA ALA A 186 8.30 -34.02 16.45
C ALA A 186 9.11 -35.32 16.52
N GLY A 187 10.04 -35.38 17.47
CA GLY A 187 10.89 -36.54 17.63
C GLY A 187 12.16 -36.52 16.80
N HIS A 188 12.30 -35.49 15.95
CA HIS A 188 13.46 -35.37 15.08
C HIS A 188 13.53 -33.97 14.48
N PRO A 189 14.73 -33.53 14.07
CA PRO A 189 14.83 -32.23 13.40
C PRO A 189 14.36 -32.33 11.95
N PHE A 190 13.83 -31.22 11.44
CA PHE A 190 13.43 -31.15 10.04
C PHE A 190 13.50 -29.70 9.58
N ASN A 191 13.27 -29.47 8.29
CA ASN A 191 13.26 -28.12 7.75
C ASN A 191 11.97 -27.40 8.16
N LEU A 192 12.04 -26.64 9.24
CA LEU A 192 10.86 -25.98 9.82
C LEU A 192 10.33 -24.89 8.89
N ASN A 193 11.14 -24.51 7.91
CA ASN A 193 10.73 -23.52 6.92
C ASN A 193 10.15 -24.13 5.63
N SER A 194 10.10 -25.47 5.56
CA SER A 194 9.50 -26.17 4.41
C SER A 194 8.06 -26.59 4.70
N ARG A 195 7.11 -26.03 3.95
CA ARG A 195 5.71 -26.41 4.15
C ARG A 195 5.45 -27.89 3.81
N ASP A 196 6.20 -28.43 2.86
CA ASP A 196 6.05 -29.84 2.50
C ASP A 196 6.49 -30.74 3.66
N GLN A 197 7.61 -30.38 4.28
CA GLN A 197 8.06 -31.11 5.46
C GLN A 197 7.13 -30.92 6.66
N LEU A 198 6.60 -29.70 6.83
CA LEU A 198 5.63 -29.46 7.89
C LEU A 198 4.38 -30.30 7.68
N GLU A 199 3.89 -30.35 6.45
CA GLU A 199 2.68 -31.11 6.14
C GLU A 199 2.86 -32.56 6.58
N ARG A 200 4.04 -33.12 6.28
CA ARG A 200 4.35 -34.50 6.65
C ARG A 200 4.32 -34.69 8.16
N VAL A 201 5.06 -33.83 8.86
CA VAL A 201 5.15 -33.91 10.31
C VAL A 201 3.78 -33.80 10.99
N LEU A 202 3.03 -32.75 10.64
CA LEU A 202 1.72 -32.51 11.24
C LEU A 202 0.70 -33.59 10.92
N PHE A 203 0.61 -33.98 9.65
CA PHE A 203 -0.55 -34.77 9.22
C PHE A 203 -0.25 -36.27 9.06
N ASP A 204 0.98 -36.61 8.73
CA ASP A 204 1.37 -38.01 8.63
C ASP A 204 1.96 -38.49 9.96
N GLU A 205 3.07 -37.90 10.37
CA GLU A 205 3.77 -38.37 11.57
C GLU A 205 2.96 -38.18 12.85
N LEU A 206 2.45 -36.98 13.08
CA LEU A 206 1.66 -36.72 14.29
C LEU A 206 0.17 -37.00 14.08
N GLY A 207 -0.23 -37.28 12.85
CA GLY A 207 -1.60 -37.67 12.55
C GLY A 207 -2.71 -36.68 12.86
N LEU A 208 -2.40 -35.39 12.85
CA LEU A 208 -3.42 -34.39 13.12
C LEU A 208 -4.39 -34.35 11.95
N PRO A 209 -5.66 -34.05 12.23
CA PRO A 209 -6.64 -34.00 11.13
C PRO A 209 -6.40 -32.79 10.22
N ALA A 210 -6.44 -33.00 8.91
CA ALA A 210 -6.29 -31.90 7.97
C ALA A 210 -7.61 -31.15 7.84
N ILE A 211 -7.54 -29.84 7.68
CA ILE A 211 -8.75 -29.03 7.61
C ILE A 211 -8.97 -28.52 6.19
N GLY A 212 -7.94 -27.89 5.63
CA GLY A 212 -8.04 -27.28 4.33
C GLY A 212 -7.12 -27.89 3.30
N LYS A 213 -7.47 -27.67 2.05
CA LYS A 213 -6.65 -28.12 0.93
C LYS A 213 -6.01 -26.90 0.29
N THR A 214 -4.83 -27.08 -0.28
CA THR A 214 -4.17 -25.98 -0.99
C THR A 214 -4.94 -25.74 -2.28
N GLU A 215 -4.80 -24.55 -2.86
CA GLU A 215 -5.62 -24.15 -3.99
C GLU A 215 -5.40 -24.95 -5.26
N LYS A 216 -4.17 -24.94 -5.78
CA LYS A 216 -3.88 -25.54 -7.08
C LYS A 216 -3.67 -27.05 -7.01
N THR A 217 -2.95 -27.51 -5.99
CA THR A 217 -2.49 -28.88 -5.96
C THR A 217 -3.28 -29.76 -4.98
N GLY A 218 -4.15 -29.13 -4.21
CA GLY A 218 -5.04 -29.86 -3.32
C GLY A 218 -4.34 -30.59 -2.19
N LYS A 219 -3.11 -30.19 -1.89
CA LYS A 219 -2.36 -30.76 -0.77
C LYS A 219 -2.97 -30.34 0.56
N ARG A 220 -2.57 -30.99 1.65
CA ARG A 220 -3.09 -30.59 2.95
C ARG A 220 -2.43 -29.26 3.34
N SER A 221 -3.23 -28.22 3.48
CA SER A 221 -2.69 -26.89 3.77
C SER A 221 -2.15 -26.80 5.19
N THR A 222 -1.09 -26.02 5.36
CA THR A 222 -0.53 -25.71 6.66
C THR A 222 -0.63 -24.21 6.94
N ARG A 223 -1.48 -23.52 6.21
CA ARG A 223 -1.62 -22.07 6.36
CA ARG A 223 -1.57 -22.07 6.37
C ARG A 223 -2.07 -21.71 7.78
N ALA A 224 -1.77 -20.48 8.19
CA ALA A 224 -2.07 -20.03 9.55
C ALA A 224 -3.50 -20.33 10.03
N ALA A 225 -4.48 -20.14 9.15
CA ALA A 225 -5.89 -20.37 9.52
C ALA A 225 -6.16 -21.84 9.91
N VAL A 226 -5.51 -22.77 9.22
CA VAL A 226 -5.64 -24.18 9.55
C VAL A 226 -4.96 -24.47 10.90
N LEU A 227 -3.75 -23.96 11.07
CA LEU A 227 -3.02 -24.15 12.32
C LEU A 227 -3.75 -23.52 13.51
N GLU A 228 -4.33 -22.35 13.31
CA GLU A 228 -5.12 -21.70 14.36
C GLU A 228 -6.25 -22.60 14.84
N ALA A 229 -6.90 -23.26 13.89
CA ALA A 229 -8.01 -24.15 14.21
C ALA A 229 -7.53 -25.46 14.84
N LEU A 230 -6.25 -25.78 14.69
CA LEU A 230 -5.67 -26.98 15.29
C LEU A 230 -4.86 -26.68 16.55
N ARG A 231 -5.03 -25.48 17.09
CA ARG A 231 -4.25 -25.01 18.24
C ARG A 231 -4.36 -25.97 19.43
N GLU A 232 -5.57 -26.43 19.70
CA GLU A 232 -5.82 -27.28 20.85
C GLU A 232 -5.66 -28.78 20.53
N ALA A 233 -5.24 -29.09 19.31
CA ALA A 233 -5.11 -30.49 18.88
C ALA A 233 -3.77 -31.11 19.25
N HIS A 234 -2.75 -30.28 19.41
CA HIS A 234 -1.41 -30.77 19.75
C HIS A 234 -0.58 -29.58 20.19
N PRO A 235 0.29 -29.78 21.19
CA PRO A 235 1.10 -28.65 21.67
C PRO A 235 2.06 -28.07 20.63
N ILE A 236 2.44 -28.86 19.63
CA ILE A 236 3.40 -28.42 18.63
C ILE A 236 2.86 -27.29 17.76
N VAL A 237 1.54 -27.19 17.68
CA VAL A 237 0.92 -26.34 16.66
C VAL A 237 1.17 -24.86 16.95
N GLU A 238 0.92 -24.47 18.19
CA GLU A 238 1.10 -23.07 18.60
C GLU A 238 2.57 -22.66 18.46
N LYS A 239 3.47 -23.61 18.69
CA LYS A 239 4.90 -23.35 18.56
C LYS A 239 5.28 -23.05 17.11
N ILE A 240 4.69 -23.80 16.18
CA ILE A 240 4.95 -23.58 14.76
C ILE A 240 4.48 -22.20 14.34
N LEU A 241 3.28 -21.84 14.78
CA LEU A 241 2.69 -20.54 14.43
C LEU A 241 3.60 -19.41 14.88
N GLN A 242 4.05 -19.51 16.12
CA GLN A 242 4.92 -18.49 16.71
C GLN A 242 6.28 -18.47 16.02
N TYR A 243 6.84 -19.64 15.75
CA TYR A 243 8.12 -19.72 15.06
C TYR A 243 8.04 -19.01 13.72
N ARG A 244 6.97 -19.25 12.98
CA ARG A 244 6.88 -18.72 11.62
C ARG A 244 6.87 -17.19 11.64
N GLU A 245 6.02 -16.64 12.51
CA GLU A 245 5.88 -15.19 12.60
C GLU A 245 7.16 -14.50 13.08
N LEU A 246 7.78 -15.05 14.11
CA LEU A 246 8.99 -14.44 14.66
C LEU A 246 10.12 -14.49 13.64
N THR A 247 10.26 -15.62 12.97
CA THR A 247 11.29 -15.77 11.94
C THR A 247 11.11 -14.74 10.82
N LYS A 248 9.86 -14.55 10.41
CA LYS A 248 9.53 -13.65 9.32
C LYS A 248 9.83 -12.20 9.70
N LEU A 249 9.32 -11.77 10.85
CA LEU A 249 9.49 -10.37 11.26
C LEU A 249 10.92 -10.03 11.67
N LYS A 250 11.66 -11.00 12.19
CA LYS A 250 13.06 -10.76 12.53
C LYS A 250 13.83 -10.48 11.24
N SER A 251 13.61 -11.32 10.23
CA SER A 251 14.40 -11.23 9.01
C SER A 251 14.02 -10.04 8.14
N THR A 252 12.76 -9.64 8.18
CA THR A 252 12.30 -8.57 7.28
C THR A 252 12.25 -7.17 7.92
N TYR A 253 12.05 -7.09 9.23
CA TYR A 253 11.96 -5.78 9.88
C TYR A 253 12.98 -5.59 11.01
N ILE A 254 12.97 -6.47 12.00
CA ILE A 254 13.77 -6.22 13.20
C ILE A 254 15.26 -6.09 12.90
N ASP A 255 15.80 -7.02 12.14
CA ASP A 255 17.22 -6.93 11.78
C ASP A 255 17.59 -5.87 10.73
N PRO A 256 16.80 -5.73 9.64
CA PRO A 256 17.18 -4.75 8.61
C PRO A 256 16.99 -3.27 8.98
N LEU A 257 15.99 -2.95 9.81
CA LEU A 257 15.68 -1.54 10.08
C LEU A 257 16.84 -0.69 10.60
N PRO A 258 17.59 -1.19 11.59
CA PRO A 258 18.67 -0.33 12.08
C PRO A 258 19.71 0.05 11.03
N ASP A 259 19.97 -0.85 10.08
CA ASP A 259 20.93 -0.58 9.00
C ASP A 259 20.44 0.49 8.02
N LEU A 260 19.13 0.75 8.03
CA LEU A 260 18.53 1.75 7.13
C LEU A 260 18.53 3.15 7.73
N ILE A 261 19.08 3.31 8.93
CA ILE A 261 19.21 4.64 9.49
C ILE A 261 20.35 5.38 8.76
N HIS A 262 20.02 6.52 8.17
CA HIS A 262 21.00 7.29 7.40
C HIS A 262 21.87 8.07 8.36
N PRO A 263 23.20 7.94 8.23
CA PRO A 263 24.04 8.60 9.23
C PRO A 263 24.04 10.13 9.21
N ARG A 264 23.62 10.74 8.11
CA ARG A 264 23.59 12.19 8.03
C ARG A 264 22.36 12.75 8.72
N THR A 265 21.25 12.03 8.60
CA THR A 265 19.99 12.53 9.11
C THR A 265 19.58 11.89 10.44
N GLY A 266 20.12 10.71 10.73
CA GLY A 266 19.69 9.95 11.91
C GLY A 266 18.27 9.41 11.80
N ARG A 267 17.79 9.32 10.56
CA ARG A 267 16.43 8.85 10.32
C ARG A 267 16.35 7.77 9.25
N LEU A 268 15.23 7.06 9.24
CA LEU A 268 14.93 6.05 8.24
C LEU A 268 14.17 6.73 7.10
N HIS A 269 14.57 6.48 5.85
CA HIS A 269 13.94 7.15 4.70
C HIS A 269 13.22 6.15 3.80
N THR A 270 11.99 5.85 4.18
CA THR A 270 11.15 4.91 3.43
C THR A 270 10.91 5.48 2.07
N ARG A 271 10.91 4.62 1.06
CA ARG A 271 10.72 5.07 -0.30
C ARG A 271 9.25 4.90 -0.68
N PHE A 272 8.61 5.97 -1.16
CA PHE A 272 7.23 5.86 -1.58
C PHE A 272 7.12 5.95 -3.09
N ASN A 273 6.33 5.06 -3.68
CA ASN A 273 6.19 5.04 -5.14
C ASN A 273 4.73 5.15 -5.53
N GLN A 274 4.42 6.07 -6.46
CA GLN A 274 3.04 6.36 -6.77
C GLN A 274 2.67 5.82 -8.14
N THR A 275 3.59 5.11 -8.79
CA THR A 275 3.25 4.43 -10.04
C THR A 275 3.61 2.96 -9.99
N ALA A 276 3.15 2.27 -8.96
CA ALA A 276 3.63 0.91 -8.71
C ALA A 276 2.54 -0.17 -8.73
N THR A 277 1.30 0.20 -8.51
CA THR A 277 0.25 -0.81 -8.33
C THR A 277 -0.84 -0.71 -9.40
N ALA A 278 -1.58 -1.80 -9.55
CA ALA A 278 -2.58 -1.92 -10.60
C ALA A 278 -3.83 -1.09 -10.33
N THR A 279 -4.04 -0.71 -9.07
CA THR A 279 -5.27 -0.03 -8.68
C THR A 279 -5.08 1.41 -8.23
N GLY A 280 -3.83 1.85 -8.09
CA GLY A 280 -3.59 3.21 -7.68
C GLY A 280 -3.14 3.39 -6.24
N ARG A 281 -3.13 2.30 -5.47
N ARG A 281 -3.13 2.30 -5.47
CA ARG A 281 -2.56 2.34 -4.12
CA ARG A 281 -2.58 2.32 -4.11
C ARG A 281 -1.09 2.74 -4.14
C ARG A 281 -1.09 2.73 -4.13
N LEU A 282 -0.67 3.52 -3.14
CA LEU A 282 0.75 3.85 -2.98
C LEU A 282 1.49 2.64 -2.47
N SER A 283 2.77 2.55 -2.81
CA SER A 283 3.58 1.47 -2.26
C SER A 283 4.78 2.05 -1.50
N SER A 284 5.33 1.27 -0.57
CA SER A 284 6.52 1.69 0.14
C SER A 284 7.56 0.59 0.01
N SER A 285 8.83 0.95 0.10
CA SER A 285 9.93 0.00 0.10
CA SER A 285 9.89 -0.04 0.16
C SER A 285 11.02 0.43 1.08
N ASP A 286 11.77 -0.54 1.60
CA ASP A 286 12.88 -0.26 2.52
C ASP A 286 12.50 0.60 3.74
N PRO A 287 11.52 0.19 4.56
CA PRO A 287 10.73 -1.04 4.56
C PRO A 287 9.51 -0.93 3.68
N ASN A 288 9.02 -2.08 3.25
CA ASN A 288 7.65 -2.18 2.81
C ASN A 288 6.77 -2.22 4.05
N LEU A 289 6.08 -1.11 4.35
CA LEU A 289 5.31 -1.02 5.58
C LEU A 289 4.09 -1.92 5.56
N GLN A 290 3.71 -2.40 4.37
CA GLN A 290 2.47 -3.15 4.20
C GLN A 290 2.42 -4.42 5.04
N ASN A 291 3.57 -5.05 5.23
CA ASN A 291 3.59 -6.40 5.78
C ASN A 291 3.87 -6.47 7.26
N ILE A 292 3.81 -5.32 7.94
CA ILE A 292 3.91 -5.33 9.39
C ILE A 292 2.52 -5.62 9.94
N PRO A 293 2.37 -6.74 10.66
CA PRO A 293 1.05 -7.14 11.15
C PRO A 293 0.55 -6.12 12.15
N VAL A 294 -0.75 -5.89 12.14
CA VAL A 294 -1.36 -4.87 12.96
C VAL A 294 -1.72 -5.39 14.34
N ARG A 295 -2.10 -6.67 14.41
CA ARG A 295 -2.72 -7.22 15.61
C ARG A 295 -1.77 -7.96 16.55
N THR A 296 -0.78 -8.64 15.99
CA THR A 296 0.08 -9.51 16.77
C THR A 296 0.97 -8.70 17.71
N PRO A 297 1.41 -9.33 18.83
CA PRO A 297 2.29 -8.61 19.76
C PRO A 297 3.57 -8.10 19.10
N LEU A 298 4.17 -8.89 18.22
CA LEU A 298 5.45 -8.48 17.65
C LEU A 298 5.28 -7.40 16.58
N GLY A 299 4.19 -7.48 15.82
CA GLY A 299 3.87 -6.44 14.87
C GLY A 299 3.66 -5.12 15.59
N GLN A 300 2.99 -5.18 16.75
CA GLN A 300 2.81 -3.99 17.58
C GLN A 300 4.14 -3.48 18.14
N ARG A 301 5.00 -4.39 18.59
CA ARG A 301 6.32 -4.00 19.08
C ARG A 301 7.15 -3.33 17.99
N ILE A 302 6.96 -3.77 16.75
CA ILE A 302 7.64 -3.11 15.65
C ILE A 302 7.21 -1.65 15.51
N ARG A 303 5.91 -1.38 15.65
CA ARG A 303 5.46 0.02 15.56
C ARG A 303 5.96 0.85 16.73
N ARG A 304 6.20 0.21 17.85
CA ARG A 304 6.76 0.90 19.01
C ARG A 304 8.17 1.44 18.71
N ALA A 305 8.84 0.87 17.71
CA ALA A 305 10.19 1.30 17.32
C ALA A 305 10.19 2.58 16.51
N PHE A 306 9.03 2.99 16.00
CA PHE A 306 8.93 4.23 15.23
C PHE A 306 8.55 5.36 16.19
N ILE A 307 9.44 6.34 16.34
CA ILE A 307 9.29 7.36 17.39
C ILE A 307 9.40 8.77 16.84
N ALA A 308 8.85 9.73 17.58
CA ALA A 308 8.98 11.14 17.25
C ALA A 308 10.36 11.71 17.61
N GLU A 309 10.78 12.73 16.87
CA GLU A 309 11.94 13.56 17.22
C GLU A 309 11.74 14.12 18.62
N GLU A 310 12.82 14.32 19.36
CA GLU A 310 12.73 14.96 20.68
C GLU A 310 12.00 16.29 20.57
N GLY A 311 10.98 16.47 21.40
CA GLY A 311 10.17 17.69 21.38
C GLY A 311 8.98 17.62 20.44
N TRP A 312 8.80 16.47 19.79
CA TRP A 312 7.72 16.28 18.83
C TRP A 312 6.87 15.09 19.27
N LEU A 313 5.72 14.90 18.61
CA LEU A 313 4.86 13.74 18.84
C LEU A 313 4.40 13.22 17.49
N LEU A 314 4.11 11.93 17.41
CA LEU A 314 3.49 11.39 16.20
C LEU A 314 1.98 11.49 16.28
N VAL A 315 1.34 11.74 15.15
CA VAL A 315 -0.11 11.78 15.07
C VAL A 315 -0.50 10.74 14.02
N ALA A 316 -1.26 9.74 14.43
CA ALA A 316 -1.65 8.66 13.53
C ALA A 316 -3.13 8.75 13.22
N LEU A 317 -3.47 8.76 11.93
CA LEU A 317 -4.85 8.86 11.49
C LEU A 317 -5.20 7.64 10.64
N ASP A 318 -6.36 7.03 10.87
CA ASP A 318 -6.75 5.84 10.09
C ASP A 318 -8.17 6.00 9.56
N TYR A 319 -8.36 5.83 8.25
CA TYR A 319 -9.72 5.84 7.74
C TYR A 319 -10.43 4.56 8.17
N SER A 320 -11.55 4.70 8.87
CA SER A 320 -12.29 3.53 9.33
C SER A 320 -13.11 2.92 8.20
N GLN A 321 -12.79 1.67 7.84
CA GLN A 321 -13.56 0.91 6.84
C GLN A 321 -13.86 1.69 5.56
N ILE A 322 -12.84 2.41 5.07
CA ILE A 322 -13.05 3.27 3.91
C ILE A 322 -13.51 2.51 2.65
N GLU A 323 -12.95 1.34 2.39
CA GLU A 323 -13.36 0.59 1.21
C GLU A 323 -14.83 0.18 1.24
N LEU A 324 -15.32 -0.21 2.41
CA LEU A 324 -16.75 -0.54 2.56
C LEU A 324 -17.64 0.69 2.40
N ARG A 325 -17.17 1.84 2.87
CA ARG A 325 -17.90 3.10 2.70
C ARG A 325 -17.98 3.51 1.23
N VAL A 326 -16.87 3.30 0.53
CA VAL A 326 -16.82 3.53 -0.91
C VAL A 326 -17.82 2.60 -1.62
N LEU A 327 -17.83 1.32 -1.22
CA LEU A 327 -18.76 0.35 -1.82
C LEU A 327 -20.22 0.78 -1.58
N ALA A 328 -20.50 1.25 -0.37
CA ALA A 328 -21.82 1.82 -0.07
C ALA A 328 -22.15 2.94 -1.02
N HIS A 329 -21.19 3.84 -1.22
CA HIS A 329 -21.39 4.96 -2.12
C HIS A 329 -21.59 4.54 -3.58
N LEU A 330 -20.73 3.66 -4.09
CA LEU A 330 -20.79 3.27 -5.50
C LEU A 330 -22.03 2.45 -5.82
N SER A 331 -22.42 1.57 -4.89
CA SER A 331 -23.53 0.65 -5.12
C SER A 331 -24.86 1.31 -4.84
N GLY A 332 -24.89 2.21 -3.87
CA GLY A 332 -26.12 2.77 -3.37
C GLY A 332 -26.93 1.80 -2.53
N ASP A 333 -26.33 0.70 -2.07
CA ASP A 333 -27.09 -0.27 -1.28
C ASP A 333 -27.59 0.31 0.03
N GLU A 334 -28.90 0.22 0.24
CA GLU A 334 -29.53 0.88 1.38
C GLU A 334 -29.13 0.29 2.72
N ASN A 335 -29.00 -1.04 2.78
CA ASN A 335 -28.61 -1.70 4.02
C ASN A 335 -27.17 -1.37 4.37
N LEU A 336 -26.31 -1.34 3.35
CA LEU A 336 -24.91 -0.95 3.55
C LEU A 336 -24.80 0.51 3.99
N ILE A 337 -25.47 1.40 3.28
CA ILE A 337 -25.49 2.82 3.64
C ILE A 337 -25.97 3.02 5.08
N ARG A 338 -26.98 2.23 5.47
CA ARG A 338 -27.56 2.31 6.81
C ARG A 338 -26.58 1.95 7.92
N VAL A 339 -25.75 0.94 7.67
CA VAL A 339 -24.71 0.54 8.62
C VAL A 339 -23.86 1.75 9.01
N PHE A 340 -23.47 2.54 8.02
CA PHE A 340 -22.53 3.64 8.26
C PHE A 340 -23.26 4.92 8.67
N GLN A 341 -24.46 5.14 8.12
CA GLN A 341 -25.24 6.29 8.57
C GLN A 341 -25.58 6.19 10.05
N GLU A 342 -25.77 4.96 10.55
CA GLU A 342 -26.12 4.74 11.94
C GLU A 342 -24.91 4.57 12.85
N GLY A 343 -23.72 4.84 12.31
CA GLY A 343 -22.50 4.78 13.09
C GLY A 343 -22.12 3.40 13.56
N ARG A 344 -22.51 2.37 12.81
CA ARG A 344 -22.19 0.99 13.21
C ARG A 344 -20.89 0.46 12.60
N ASP A 345 -20.44 -0.67 13.13
CA ASP A 345 -19.25 -1.33 12.64
C ASP A 345 -19.67 -2.49 11.73
N PHE A 346 -19.31 -2.40 10.45
CA PHE A 346 -19.77 -3.40 9.47
C PHE A 346 -19.43 -4.82 9.86
N HIS A 347 -18.20 -5.04 10.32
CA HIS A 347 -17.73 -6.40 10.56
C HIS A 347 -18.36 -6.98 11.81
N THR A 348 -18.68 -6.12 12.78
CA THR A 348 -19.40 -6.57 13.96
C THR A 348 -20.86 -6.87 13.64
N GLU A 349 -21.49 -6.02 12.83
CA GLU A 349 -22.88 -6.24 12.46
C GLU A 349 -23.04 -7.56 11.73
N THR A 350 -22.21 -7.78 10.71
CA THR A 350 -22.24 -9.01 9.93
C THR A 350 -21.80 -10.23 10.74
N ALA A 351 -20.83 -10.07 11.64
CA ALA A 351 -20.43 -11.16 12.53
C ALA A 351 -21.60 -11.62 13.40
N SER A 352 -22.33 -10.65 13.94
CA SER A 352 -23.50 -10.92 14.76
C SER A 352 -24.53 -11.71 13.94
N TRP A 353 -24.73 -11.27 12.70
CA TRP A 353 -25.65 -11.96 11.79
C TRP A 353 -25.20 -13.39 11.44
N MET A 354 -23.95 -13.56 11.06
CA MET A 354 -23.48 -14.86 10.57
C MET A 354 -23.15 -15.89 11.66
N PHE A 355 -22.85 -15.41 12.87
CA PHE A 355 -22.54 -16.29 13.99
C PHE A 355 -23.74 -16.47 14.93
N GLY A 356 -24.78 -15.67 14.71
CA GLY A 356 -26.02 -15.78 15.47
C GLY A 356 -25.90 -15.37 16.93
N VAL A 357 -25.00 -14.43 17.22
CA VAL A 357 -24.79 -13.96 18.59
C VAL A 357 -25.01 -12.44 18.65
N PRO A 358 -25.25 -11.91 19.87
CA PRO A 358 -25.38 -10.45 19.98
C PRO A 358 -24.07 -9.77 19.65
N ARG A 359 -24.13 -8.51 19.23
CA ARG A 359 -22.94 -7.77 18.81
C ARG A 359 -21.91 -7.66 19.94
N GLU A 360 -22.37 -7.60 21.19
CA GLU A 360 -21.47 -7.52 22.33
C GLU A 360 -20.66 -8.80 22.52
N ALA A 361 -21.19 -9.90 21.98
CA ALA A 361 -20.54 -11.20 22.09
C ALA A 361 -19.52 -11.42 20.96
N VAL A 362 -19.44 -10.46 20.06
CA VAL A 362 -18.46 -10.54 18.97
C VAL A 362 -17.10 -10.05 19.45
N ASP A 363 -16.26 -10.99 19.88
CA ASP A 363 -14.93 -10.65 20.34
C ASP A 363 -13.98 -10.48 19.15
N PRO A 364 -12.75 -9.98 19.38
CA PRO A 364 -11.86 -9.77 18.23
C PRO A 364 -11.55 -11.02 17.40
N LEU A 365 -11.62 -12.19 18.01
CA LEU A 365 -11.37 -13.44 17.28
C LEU A 365 -12.51 -13.71 16.29
N MET A 366 -13.74 -13.60 16.78
CA MET A 366 -14.91 -13.76 15.93
C MET A 366 -14.95 -12.67 14.86
N ARG A 367 -14.63 -11.45 15.25
CA ARG A 367 -14.63 -10.33 14.31
C ARG A 367 -13.62 -10.53 13.17
N ARG A 368 -12.45 -11.07 13.51
CA ARG A 368 -11.43 -11.38 12.52
C ARG A 368 -11.92 -12.45 11.56
N ALA A 369 -12.62 -13.44 12.10
CA ALA A 369 -13.14 -14.53 11.28
C ALA A 369 -14.19 -13.98 10.31
N ALA A 370 -15.07 -13.13 10.83
CA ALA A 370 -16.09 -12.48 10.02
C ALA A 370 -15.51 -11.59 8.91
N LYS A 371 -14.45 -10.85 9.21
CA LYS A 371 -13.83 -9.97 8.23
CA LYS A 371 -13.81 -9.97 8.25
C LYS A 371 -13.33 -10.75 7.03
N THR A 372 -12.69 -11.88 7.30
CA THR A 372 -12.14 -12.73 6.26
C THR A 372 -13.24 -13.27 5.37
N ILE A 373 -14.36 -13.65 5.99
CA ILE A 373 -15.52 -14.09 5.23
C ILE A 373 -16.11 -12.94 4.41
N ASN A 374 -16.30 -11.78 5.02
CA ASN A 374 -16.87 -10.62 4.33
C ASN A 374 -16.10 -10.24 3.08
N PHE A 375 -14.79 -10.07 3.21
CA PHE A 375 -13.98 -9.66 2.08
C PHE A 375 -13.98 -10.74 0.99
N GLY A 376 -13.84 -12.00 1.39
CA GLY A 376 -13.84 -13.09 0.44
C GLY A 376 -15.15 -13.14 -0.34
N VAL A 377 -16.27 -13.08 0.37
CA VAL A 377 -17.58 -13.18 -0.25
C VAL A 377 -17.94 -11.97 -1.10
N LEU A 378 -17.80 -10.76 -0.53
CA LEU A 378 -18.12 -9.54 -1.26
C LEU A 378 -17.31 -9.42 -2.53
N TYR A 379 -16.04 -9.80 -2.46
CA TYR A 379 -15.14 -9.53 -3.58
C TYR A 379 -14.85 -10.74 -4.47
N GLY A 380 -15.63 -11.81 -4.34
CA GLY A 380 -15.71 -12.82 -5.39
C GLY A 380 -15.36 -14.28 -5.15
N MET A 381 -15.18 -14.69 -3.90
CA MET A 381 -14.82 -16.07 -3.60
C MET A 381 -15.94 -17.05 -4.00
N SER A 382 -15.54 -18.23 -4.48
CA SER A 382 -16.52 -19.23 -4.93
C SER A 382 -17.03 -20.09 -3.80
N ALA A 383 -18.18 -20.72 -4.01
CA ALA A 383 -18.76 -21.61 -3.01
C ALA A 383 -17.78 -22.73 -2.66
N HIS A 384 -17.06 -23.21 -3.67
CA HIS A 384 -16.08 -24.27 -3.47
C HIS A 384 -15.04 -23.90 -2.42
N ARG A 385 -14.34 -22.79 -2.63
CA ARG A 385 -13.30 -22.33 -1.71
C ARG A 385 -13.86 -22.04 -0.32
N LEU A 386 -15.02 -21.39 -0.26
CA LEU A 386 -15.67 -21.05 0.99
C LEU A 386 -16.01 -22.29 1.80
N SER A 387 -16.55 -23.30 1.11
CA SER A 387 -16.92 -24.56 1.76
C SER A 387 -15.70 -25.25 2.37
N GLN A 388 -14.59 -25.24 1.63
CA GLN A 388 -13.37 -25.87 2.11
C GLN A 388 -12.77 -25.14 3.31
N GLU A 389 -12.68 -23.82 3.23
CA GLU A 389 -12.09 -23.03 4.29
C GLU A 389 -12.95 -23.01 5.55
N LEU A 390 -14.27 -23.07 5.37
CA LEU A 390 -15.19 -23.04 6.49
C LEU A 390 -15.53 -24.43 7.00
N ALA A 391 -14.96 -25.45 6.36
CA ALA A 391 -15.20 -26.85 6.71
C ALA A 391 -16.69 -27.18 6.72
N ILE A 392 -17.39 -26.77 5.67
CA ILE A 392 -18.82 -27.00 5.52
C ILE A 392 -19.11 -27.59 4.14
N PRO A 393 -20.27 -28.26 3.99
CA PRO A 393 -20.65 -28.80 2.68
C PRO A 393 -20.81 -27.71 1.63
N TYR A 394 -20.57 -28.08 0.37
CA TYR A 394 -20.61 -27.14 -0.75
C TYR A 394 -21.94 -26.40 -0.87
N GLU A 395 -23.03 -27.13 -0.72
CA GLU A 395 -24.36 -26.57 -0.90
C GLU A 395 -24.68 -25.56 0.19
N GLU A 396 -24.09 -25.76 1.36
CA GLU A 396 -24.31 -24.85 2.48
C GLU A 396 -23.57 -23.53 2.24
N ALA A 397 -22.35 -23.63 1.75
CA ALA A 397 -21.56 -22.45 1.41
C ALA A 397 -22.23 -21.65 0.29
N GLN A 398 -22.67 -22.37 -0.74
CA GLN A 398 -23.39 -21.75 -1.84
C GLN A 398 -24.64 -21.02 -1.34
N ALA A 399 -25.32 -21.62 -0.37
CA ALA A 399 -26.54 -21.04 0.20
C ALA A 399 -26.24 -19.82 1.06
N PHE A 400 -25.12 -19.88 1.78
CA PHE A 400 -24.66 -18.75 2.58
C PHE A 400 -24.40 -17.54 1.69
N ILE A 401 -23.69 -17.77 0.59
CA ILE A 401 -23.35 -16.69 -0.34
C ILE A 401 -24.60 -15.99 -0.86
N GLU A 402 -25.61 -16.77 -1.24
CA GLU A 402 -26.86 -16.18 -1.70
C GLU A 402 -27.55 -15.37 -0.61
N ARG A 403 -27.58 -15.89 0.61
CA ARG A 403 -28.21 -15.21 1.73
C ARG A 403 -27.46 -13.92 2.03
N TYR A 404 -26.14 -13.97 1.91
CA TYR A 404 -25.30 -12.82 2.15
C TYR A 404 -25.66 -11.66 1.22
N PHE A 405 -25.70 -11.91 -0.09
CA PHE A 405 -26.03 -10.85 -1.03
C PHE A 405 -27.50 -10.44 -0.99
N GLN A 406 -28.35 -11.31 -0.45
CA GLN A 406 -29.74 -10.91 -0.24
C GLN A 406 -29.85 -9.81 0.82
N SER A 407 -28.87 -9.76 1.73
CA SER A 407 -28.82 -8.71 2.74
C SER A 407 -28.35 -7.39 2.11
N PHE A 408 -27.57 -7.49 1.04
CA PHE A 408 -27.10 -6.31 0.32
C PHE A 408 -27.35 -6.43 -1.18
N PRO A 409 -28.63 -6.41 -1.59
CA PRO A 409 -29.06 -6.65 -2.97
C PRO A 409 -28.44 -5.74 -4.03
N LYS A 410 -28.25 -4.46 -3.71
CA LYS A 410 -27.71 -3.54 -4.70
C LYS A 410 -26.20 -3.68 -4.93
N VAL A 411 -25.51 -4.37 -4.03
CA VAL A 411 -24.09 -4.66 -4.25
C VAL A 411 -23.97 -5.58 -5.46
N ARG A 412 -24.75 -6.66 -5.49
CA ARG A 412 -24.75 -7.55 -6.64
C ARG A 412 -25.13 -6.85 -7.94
N ALA A 413 -26.11 -5.95 -7.88
CA ALA A 413 -26.53 -5.18 -9.04
C ALA A 413 -25.39 -4.31 -9.53
N TRP A 414 -24.66 -3.72 -8.59
CA TRP A 414 -23.50 -2.90 -8.93
C TRP A 414 -22.39 -3.70 -9.62
N ILE A 415 -22.08 -4.89 -9.09
CA ILE A 415 -21.06 -5.76 -9.68
C ILE A 415 -21.45 -6.07 -11.14
N GLU A 416 -22.71 -6.37 -11.34
CA GLU A 416 -23.17 -6.75 -12.66
C GLU A 416 -23.10 -5.59 -13.65
N LYS A 417 -23.50 -4.40 -13.19
CA LYS A 417 -23.46 -3.21 -14.04
C LYS A 417 -22.03 -2.85 -14.38
N THR A 418 -21.15 -3.00 -13.40
CA THR A 418 -19.74 -2.71 -13.60
C THR A 418 -19.14 -3.66 -14.64
N LEU A 419 -19.51 -4.93 -14.57
CA LEU A 419 -18.98 -5.87 -15.55
C LEU A 419 -19.58 -5.61 -16.92
N GLU A 420 -20.87 -5.28 -16.98
CA GLU A 420 -21.51 -5.02 -18.26
C GLU A 420 -20.83 -3.85 -18.98
N GLU A 421 -20.64 -2.75 -18.28
CA GLU A 421 -19.99 -1.59 -18.86
C GLU A 421 -18.51 -1.85 -19.19
N GLY A 422 -17.82 -2.62 -18.34
CA GLY A 422 -16.45 -2.99 -18.60
C GLY A 422 -16.26 -3.86 -19.84
N ARG A 423 -17.19 -4.78 -20.07
CA ARG A 423 -17.18 -5.58 -21.29
C ARG A 423 -17.33 -4.66 -22.49
N ARG A 424 -18.15 -3.62 -22.36
CA ARG A 424 -18.36 -2.70 -23.48
C ARG A 424 -17.14 -1.82 -23.73
N ARG A 425 -16.60 -1.22 -22.66
CA ARG A 425 -15.51 -0.24 -22.79
C ARG A 425 -14.10 -0.84 -22.84
N GLY A 426 -13.90 -2.01 -22.23
CA GLY A 426 -12.58 -2.63 -22.16
C GLY A 426 -11.81 -2.24 -20.90
N TYR A 427 -12.43 -1.38 -20.09
CA TYR A 427 -11.78 -0.93 -18.85
C TYR A 427 -12.82 -0.63 -17.79
N VAL A 428 -12.38 -0.57 -16.54
CA VAL A 428 -13.22 -0.05 -15.46
C VAL A 428 -12.57 1.18 -14.86
N GLU A 429 -13.33 1.91 -14.05
CA GLU A 429 -12.89 3.22 -13.53
CA GLU A 429 -12.83 3.18 -13.51
C GLU A 429 -13.24 3.41 -12.07
N THR A 430 -12.42 4.20 -11.36
CA THR A 430 -12.74 4.61 -10.01
C THR A 430 -13.73 5.78 -10.08
N LEU A 431 -14.17 6.26 -8.92
CA LEU A 431 -15.06 7.43 -8.84
C LEU A 431 -14.50 8.65 -9.57
N PHE A 432 -13.19 8.83 -9.51
CA PHE A 432 -12.54 9.99 -10.14
C PHE A 432 -12.12 9.72 -11.57
N GLY A 433 -12.31 8.49 -12.05
CA GLY A 433 -12.00 8.17 -13.43
C GLY A 433 -10.64 7.56 -13.71
N ARG A 434 -9.92 7.15 -12.66
CA ARG A 434 -8.70 6.36 -12.86
C ARG A 434 -9.11 5.04 -13.49
N ARG A 435 -8.37 4.59 -14.51
CA ARG A 435 -8.75 3.43 -15.32
C ARG A 435 -7.85 2.23 -15.14
N ARG A 436 -8.45 1.04 -15.16
CA ARG A 436 -7.69 -0.20 -15.31
C ARG A 436 -8.25 -0.97 -16.50
N TYR A 437 -7.37 -1.35 -17.43
CA TYR A 437 -7.81 -2.09 -18.62
C TYR A 437 -7.99 -3.56 -18.30
N VAL A 438 -9.09 -4.14 -18.78
CA VAL A 438 -9.43 -5.52 -18.48
C VAL A 438 -9.90 -6.28 -19.74
N PRO A 439 -8.97 -6.49 -20.68
CA PRO A 439 -9.30 -7.06 -21.98
C PRO A 439 -9.80 -8.51 -21.89
N ASP A 440 -9.43 -9.22 -20.83
CA ASP A 440 -9.88 -10.61 -20.71
C ASP A 440 -11.36 -10.79 -20.31
N LEU A 441 -12.09 -9.69 -20.12
CA LEU A 441 -13.54 -9.79 -19.92
C LEU A 441 -14.20 -10.50 -21.09
N GLU A 442 -13.57 -10.44 -22.26
CA GLU A 442 -14.12 -11.12 -23.44
C GLU A 442 -13.42 -12.45 -23.77
N ALA A 443 -12.63 -12.97 -22.83
CA ALA A 443 -11.92 -14.24 -23.06
C ALA A 443 -12.90 -15.42 -23.13
N ARG A 444 -12.58 -16.43 -23.95
CA ARG A 444 -13.45 -17.60 -24.07
C ARG A 444 -13.16 -18.64 -23.00
N VAL A 445 -11.90 -18.77 -22.61
CA VAL A 445 -11.54 -19.67 -21.52
C VAL A 445 -12.16 -19.19 -20.21
N LYS A 446 -12.95 -20.06 -19.58
CA LYS A 446 -13.76 -19.68 -18.42
C LYS A 446 -12.96 -19.12 -17.25
N SER A 447 -11.89 -19.82 -16.87
CA SER A 447 -11.05 -19.38 -15.75
C SER A 447 -10.36 -18.05 -16.04
N VAL A 448 -9.99 -17.83 -17.30
CA VAL A 448 -9.32 -16.60 -17.72
C VAL A 448 -10.29 -15.42 -17.70
N ARG A 449 -11.48 -15.63 -18.24
CA ARG A 449 -12.51 -14.60 -18.25
C ARG A 449 -12.95 -14.25 -16.83
N GLU A 450 -13.09 -15.27 -16.00
CA GLU A 450 -13.65 -15.04 -14.67
C GLU A 450 -12.64 -14.31 -13.79
N ALA A 451 -11.35 -14.60 -13.99
CA ALA A 451 -10.29 -13.89 -13.26
C ALA A 451 -10.33 -12.41 -13.63
N ALA A 452 -10.58 -12.12 -14.89
CA ALA A 452 -10.68 -10.72 -15.34
C ALA A 452 -11.86 -10.00 -14.68
N GLU A 453 -12.98 -10.70 -14.53
CA GLU A 453 -14.16 -10.14 -13.90
C GLU A 453 -13.86 -9.74 -12.45
N ARG A 454 -13.19 -10.63 -11.73
CA ARG A 454 -12.88 -10.35 -10.33
C ARG A 454 -11.95 -9.14 -10.17
N LYS A 455 -10.95 -9.03 -11.04
CA LYS A 455 -10.12 -7.81 -11.11
C LYS A 455 -10.99 -6.59 -11.39
N ALA A 456 -11.89 -6.72 -12.37
CA ALA A 456 -12.68 -5.60 -12.85
C ALA A 456 -13.60 -4.99 -11.80
N PHE A 457 -14.28 -5.80 -11.00
CA PHE A 457 -15.20 -5.17 -10.06
C PHE A 457 -14.53 -4.82 -8.73
N ASN A 458 -13.33 -5.37 -8.50
CA ASN A 458 -12.54 -4.99 -7.31
C ASN A 458 -11.85 -3.65 -7.47
N MET A 459 -11.39 -3.35 -8.68
N MET A 459 -11.39 -3.38 -8.69
CA MET A 459 -10.61 -2.13 -8.88
CA MET A 459 -10.65 -2.16 -9.01
C MET A 459 -11.32 -0.80 -8.53
C MET A 459 -11.30 -0.84 -8.59
N PRO A 460 -12.58 -0.60 -8.97
CA PRO A 460 -13.21 0.68 -8.63
C PRO A 460 -13.31 0.97 -7.13
N VAL A 461 -13.47 -0.07 -6.32
CA VAL A 461 -13.59 0.12 -4.87
C VAL A 461 -12.21 0.43 -4.27
N GLN A 462 -11.24 -0.45 -4.49
CA GLN A 462 -9.89 -0.24 -3.96
C GLN A 462 -9.25 1.03 -4.49
N GLY A 463 -9.44 1.30 -5.79
CA GLY A 463 -8.83 2.45 -6.41
C GLY A 463 -9.45 3.76 -5.95
N THR A 464 -10.76 3.75 -5.69
CA THR A 464 -11.43 4.96 -5.19
C THR A 464 -10.95 5.28 -3.77
N ALA A 465 -10.82 4.25 -2.94
CA ALA A 465 -10.27 4.41 -1.59
C ALA A 465 -8.86 5.02 -1.65
N ALA A 466 -8.05 4.53 -2.60
CA ALA A 466 -6.68 5.01 -2.74
C ALA A 466 -6.67 6.45 -3.23
N ASP A 467 -7.58 6.76 -4.16
CA ASP A 467 -7.72 8.12 -4.71
C ASP A 467 -8.04 9.10 -3.59
N LEU A 468 -8.93 8.67 -2.69
CA LEU A 468 -9.37 9.52 -1.58
C LEU A 468 -8.22 9.83 -0.63
N MET A 469 -7.46 8.80 -0.26
CA MET A 469 -6.27 9.02 0.59
C MET A 469 -5.28 9.99 -0.08
N LYS A 470 -5.01 9.80 -1.36
CA LYS A 470 -4.04 10.64 -2.06
C LYS A 470 -4.49 12.09 -2.09
N LEU A 471 -5.76 12.29 -2.40
CA LEU A 471 -6.31 13.65 -2.42
C LEU A 471 -6.27 14.28 -1.04
N ALA A 472 -6.57 13.49 -0.01
CA ALA A 472 -6.46 14.00 1.36
C ALA A 472 -5.03 14.44 1.67
N MET A 473 -4.04 13.66 1.24
CA MET A 473 -2.64 14.02 1.47
C MET A 473 -2.31 15.35 0.81
N VAL A 474 -2.74 15.49 -0.44
CA VAL A 474 -2.53 16.71 -1.18
C VAL A 474 -3.20 17.90 -0.50
N LYS A 475 -4.41 17.70 0.01
CA LYS A 475 -5.13 18.79 0.67
C LYS A 475 -4.53 19.14 2.01
N LEU A 476 -4.01 18.13 2.70
CA LEU A 476 -3.50 18.35 4.06
C LEU A 476 -2.10 18.97 4.09
N PHE A 477 -1.26 18.57 3.15
CA PHE A 477 0.17 18.91 3.22
C PHE A 477 0.51 20.40 3.41
N PRO A 478 -0.05 21.32 2.58
CA PRO A 478 0.30 22.74 2.75
C PRO A 478 -0.12 23.30 4.11
N ARG A 479 -1.25 22.86 4.63
CA ARG A 479 -1.67 23.34 5.94
C ARG A 479 -0.82 22.78 7.07
N LEU A 480 -0.36 21.54 6.92
CA LEU A 480 0.60 20.96 7.86
C LEU A 480 1.87 21.79 7.90
N GLU A 481 2.42 22.07 6.73
CA GLU A 481 3.66 22.83 6.62
C GLU A 481 3.53 24.20 7.27
N GLU A 482 2.35 24.80 7.15
CA GLU A 482 2.06 26.09 7.77
C GLU A 482 2.12 26.03 9.29
N MET A 483 1.86 24.86 9.85
CA MET A 483 1.86 24.68 11.30
C MET A 483 3.19 24.15 11.81
N GLY A 484 4.16 23.96 10.91
CA GLY A 484 5.47 23.48 11.30
C GLY A 484 5.46 21.99 11.57
N ALA A 485 4.48 21.29 10.99
CA ALA A 485 4.39 19.83 11.13
C ALA A 485 4.86 19.10 9.86
N ARG A 486 4.99 17.78 9.96
CA ARG A 486 5.54 16.97 8.87
C ARG A 486 4.58 15.83 8.58
N MET A 487 4.59 15.36 7.34
CA MET A 487 3.88 14.14 6.98
C MET A 487 4.98 13.09 6.78
N LEU A 488 4.88 11.94 7.44
CA LEU A 488 5.96 10.94 7.42
C LEU A 488 5.66 9.65 6.67
N LEU A 489 4.54 9.01 6.99
CA LEU A 489 4.26 7.68 6.47
C LEU A 489 2.82 7.53 6.01
N GLN A 490 2.61 6.70 4.98
CA GLN A 490 1.29 6.30 4.58
C GLN A 490 1.36 4.79 4.37
N VAL A 491 0.40 4.07 4.95
CA VAL A 491 0.36 2.61 4.78
C VAL A 491 -1.08 2.16 5.04
N HIS A 492 -1.52 1.12 4.34
CA HIS A 492 -2.91 0.65 4.50
C HIS A 492 -3.86 1.84 4.30
N ASP A 493 -4.70 2.12 5.29
CA ASP A 493 -5.64 3.26 5.23
C ASP A 493 -5.23 4.37 6.23
N GLU A 494 -3.94 4.35 6.56
CA GLU A 494 -3.40 5.15 7.67
C GLU A 494 -2.40 6.20 7.16
N LEU A 495 -2.32 7.34 7.89
CA LEU A 495 -1.31 8.36 7.66
C LEU A 495 -0.65 8.69 9.01
N VAL A 496 0.67 8.82 9.02
CA VAL A 496 1.39 9.18 10.25
C VAL A 496 2.08 10.52 10.04
N LEU A 497 1.79 11.46 10.94
CA LEU A 497 2.37 12.80 10.90
C LEU A 497 3.27 13.00 12.09
N GLU A 498 4.09 14.04 12.04
CA GLU A 498 4.92 14.39 13.19
C GLU A 498 4.75 15.89 13.45
N ALA A 499 4.45 16.27 14.69
CA ALA A 499 4.21 17.67 15.01
C ALA A 499 4.96 18.07 16.27
N PRO A 500 5.38 19.34 16.35
CA PRO A 500 5.91 19.81 17.64
C PRO A 500 4.89 19.54 18.73
N LYS A 501 5.33 19.18 19.95
CA LYS A 501 4.42 18.77 21.02
C LYS A 501 3.34 19.81 21.26
N GLU A 502 3.73 21.09 21.15
CA GLU A 502 2.81 22.19 21.41
C GLU A 502 1.72 22.33 20.35
N ARG A 503 1.94 21.73 19.18
CA ARG A 503 0.99 21.83 18.09
C ARG A 503 0.24 20.52 17.79
N ALA A 504 0.63 19.43 18.44
CA ALA A 504 0.10 18.11 18.09
C ALA A 504 -1.42 17.99 18.17
N GLU A 505 -2.02 18.54 19.23
CA GLU A 505 -3.47 18.46 19.32
C GLU A 505 -4.18 19.24 18.22
N ALA A 506 -3.65 20.42 17.88
CA ALA A 506 -4.22 21.20 16.79
C ALA A 506 -4.02 20.49 15.46
N VAL A 507 -2.84 19.90 15.29
CA VAL A 507 -2.56 19.15 14.07
C VAL A 507 -3.52 17.96 13.92
N ALA A 508 -3.74 17.23 15.02
CA ALA A 508 -4.66 16.09 14.98
C ALA A 508 -6.07 16.51 14.61
N ARG A 509 -6.52 17.62 15.17
CA ARG A 509 -7.84 18.15 14.83
C ARG A 509 -7.96 18.53 13.36
N LEU A 510 -6.96 19.23 12.85
CA LEU A 510 -6.94 19.67 11.45
C LEU A 510 -6.92 18.49 10.48
N ALA A 511 -6.08 17.50 10.77
CA ALA A 511 -5.92 16.36 9.86
C ALA A 511 -7.19 15.52 9.81
N LYS A 512 -7.82 15.31 10.96
CA LYS A 512 -9.05 14.54 11.01
C LYS A 512 -10.12 15.22 10.17
N GLU A 513 -10.22 16.54 10.32
CA GLU A 513 -11.19 17.32 9.57
C GLU A 513 -10.97 17.24 8.06
N VAL A 514 -9.71 17.42 7.63
CA VAL A 514 -9.39 17.43 6.21
C VAL A 514 -9.66 16.06 5.58
N MET A 515 -9.21 15.02 6.27
CA MET A 515 -9.44 13.66 5.82
C MET A 515 -10.93 13.29 5.77
N GLU A 516 -11.68 13.65 6.81
CA GLU A 516 -13.11 13.27 6.82
C GLU A 516 -13.90 14.04 5.77
N GLY A 517 -13.46 15.24 5.43
CA GLY A 517 -14.18 16.04 4.44
C GLY A 517 -13.59 16.06 3.05
N VAL A 518 -12.69 15.12 2.75
CA VAL A 518 -11.94 15.15 1.49
C VAL A 518 -12.85 15.14 0.25
N TYR A 519 -13.92 14.35 0.31
CA TYR A 519 -14.89 14.26 -0.80
C TYR A 519 -16.24 13.80 -0.26
N PRO A 520 -17.33 14.43 -0.73
CA PRO A 520 -18.66 14.08 -0.21
C PRO A 520 -19.15 12.77 -0.79
N LEU A 521 -19.48 11.84 0.08
CA LEU A 521 -20.04 10.54 -0.31
C LEU A 521 -21.44 10.38 0.30
N ALA A 522 -22.09 9.27 -0.02
CA ALA A 522 -23.43 8.98 0.46
C ALA A 522 -23.42 8.50 1.91
N VAL A 523 -22.20 8.22 2.40
CA VAL A 523 -21.98 7.93 3.81
C VAL A 523 -20.88 8.86 4.33
N PRO A 524 -20.87 9.10 5.64
CA PRO A 524 -19.77 9.91 6.17
C PRO A 524 -18.46 9.13 6.11
N LEU A 525 -17.35 9.84 6.01
CA LEU A 525 -16.06 9.18 6.24
C LEU A 525 -15.69 9.36 7.72
N GLU A 526 -15.17 8.31 8.34
CA GLU A 526 -14.74 8.39 9.72
C GLU A 526 -13.23 8.15 9.80
N VAL A 527 -12.57 8.95 10.62
CA VAL A 527 -11.13 8.84 10.84
C VAL A 527 -10.88 8.74 12.32
N GLU A 528 -10.12 7.72 12.72
CA GLU A 528 -9.69 7.59 14.10
C GLU A 528 -8.32 8.24 14.20
N VAL A 529 -8.09 8.99 15.28
CA VAL A 529 -6.83 9.73 15.39
C VAL A 529 -6.26 9.54 16.80
N GLY A 530 -4.94 9.43 16.90
CA GLY A 530 -4.27 9.27 18.17
C GLY A 530 -2.94 10.01 18.15
N ILE A 531 -2.41 10.31 19.34
CA ILE A 531 -1.16 11.06 19.45
C ILE A 531 -0.25 10.30 20.42
N GLY A 532 1.04 10.22 20.12
CA GLY A 532 1.97 9.55 21.01
C GLY A 532 3.43 9.74 20.64
N GLU A 533 4.33 9.36 21.54
CA GLU A 533 5.74 9.50 21.27
C GLU A 533 6.25 8.41 20.35
N ASP A 534 5.46 7.36 20.21
CA ASP A 534 5.75 6.32 19.26
C ASP A 534 4.49 5.92 18.48
N TRP A 535 4.69 5.23 17.37
CA TRP A 535 3.59 4.93 16.45
C TRP A 535 2.53 4.06 17.14
N LEU A 536 2.97 3.09 17.93
CA LEU A 536 2.00 2.21 18.62
C LEU A 536 1.13 2.99 19.61
N SER A 537 1.77 3.84 20.41
CA SER A 537 1.07 4.68 21.37
C SER A 537 0.07 5.60 20.69
N ALA A 538 0.42 6.06 19.48
CA ALA A 538 -0.47 6.91 18.70
C ALA A 538 -1.61 6.11 18.06
N LYS A 539 -1.43 4.81 17.90
CA LYS A 539 -2.35 4.00 17.10
C LYS A 539 -3.38 3.34 18.01
N GLU A 540 -3.00 3.20 19.28
CA GLU A 540 -3.95 2.85 20.35
C GLU A 540 -4.71 1.54 20.11
#